data_9PGZ
#
_entry.id   9PGZ
#
_cell.length_a   150.264
_cell.length_b   150.264
_cell.length_c   150.264
_cell.angle_alpha   90.00
_cell.angle_beta   90.00
_cell.angle_gamma   90.00
#
_symmetry.space_group_name_H-M   'P 43 3 2'
#
loop_
_entity.id
_entity.type
_entity.pdbx_description
1 polymer 'Tyrosinase,Tyrosine-protein kinase Fyn'
2 non-polymer 'ZINC ION'
3 water water
#
_entity_poly.entity_id   1
_entity_poly.type   'polypeptide(L)'
_entity_poly.pdbx_seq_one_letter_code
;SGGGYRVRKNVLHLTDTEKRDFVRTVLILKEKGIYDRYIAWHGAAGKFHTPPGSDRNAAHMSSAFLPWHREYLLRFERDL
QSINPEVTLPYWDWTTDAQMQDPSQSQIWSADFMGGNGNPIKDFIVDTGPFAAGRWTTIDEQGNPSGGLKRNFGATKEAP
TLPTRADVVKALAITQYDTPPWDMTSQNSFRNQLEGFINGPQLHNRVHHWVGGQMGVVPTAPNDPVFFLHHANVDRIWAV
WQIIHRNQNYQPMKNGPFGQNFRDPMYPWNTTPEDVMNHRKLGYVYDIEDRNDINGPIFVALYDYEARTEDDLSFHKGEK
FQILDSSEGDWWAARSLTTGEIGYIPSNYVAPV
;
_entity_poly.pdbx_strand_id   A
#
loop_
_chem_comp.id
_chem_comp.type
_chem_comp.name
_chem_comp.formula
ZN non-polymer 'ZINC ION' 'Zn 2'
#
# COMPACT_ATOMS: atom_id res chain seq x y z
N TYR A 5 -7.41 -15.08 7.21
CA TYR A 5 -8.06 -15.29 8.52
C TYR A 5 -8.53 -13.95 9.02
N ARG A 6 -7.60 -13.00 9.14
CA ARG A 6 -7.99 -11.65 9.52
C ARG A 6 -8.06 -10.81 8.25
N VAL A 7 -9.14 -10.02 8.12
CA VAL A 7 -9.42 -9.40 6.84
C VAL A 7 -9.16 -7.90 6.90
N ARG A 8 -8.33 -7.41 5.97
CA ARG A 8 -8.09 -5.98 5.83
C ARG A 8 -9.03 -5.41 4.77
N LYS A 9 -9.94 -4.54 5.20
CA LYS A 9 -10.99 -4.04 4.32
C LYS A 9 -10.59 -2.69 3.71
N ASN A 10 -11.19 -2.39 2.55
CA ASN A 10 -11.12 -1.09 1.91
C ASN A 10 -11.81 -0.07 2.80
N VAL A 11 -11.22 1.11 2.96
CA VAL A 11 -11.77 2.19 3.77
C VAL A 11 -13.21 2.51 3.37
N LEU A 12 -13.52 2.43 2.07
CA LEU A 12 -14.86 2.67 1.57
C LEU A 12 -15.88 1.68 2.13
N HIS A 13 -15.46 0.46 2.51
CA HIS A 13 -16.40 -0.55 2.97
C HIS A 13 -16.53 -0.57 4.48
N LEU A 14 -15.83 0.32 5.19
CA LEU A 14 -15.82 0.29 6.64
C LEU A 14 -17.14 0.83 7.19
N THR A 15 -17.65 0.20 8.25
CA THR A 15 -18.85 0.71 8.90
C THR A 15 -18.46 1.88 9.80
N ASP A 16 -19.45 2.70 10.15
CA ASP A 16 -19.21 3.84 11.01
C ASP A 16 -18.51 3.35 12.28
N THR A 17 -19.01 2.24 12.80
CA THR A 17 -18.53 1.74 14.08
C THR A 17 -17.15 1.09 13.90
N GLU A 18 -16.88 0.56 12.70
CA GLU A 18 -15.55 0.07 12.36
C GLU A 18 -14.55 1.22 12.36
N LYS A 19 -14.95 2.34 11.74
CA LYS A 19 -14.09 3.52 11.59
C LYS A 19 -13.81 4.13 12.96
N ARG A 20 -14.84 4.18 13.81
CA ARG A 20 -14.70 4.79 15.12
C ARG A 20 -13.71 3.95 15.93
N ASP A 21 -13.84 2.63 15.81
CA ASP A 21 -13.04 1.65 16.53
C ASP A 21 -11.56 1.68 16.12
N PHE A 22 -11.28 1.79 14.82
CA PHE A 22 -9.91 1.96 14.37
C PHE A 22 -9.32 3.24 14.97
N VAL A 23 -10.04 4.35 14.85
CA VAL A 23 -9.57 5.61 15.39
C VAL A 23 -9.25 5.45 16.88
N ARG A 24 -10.18 4.89 17.65
CA ARG A 24 -10.01 4.81 19.09
C ARG A 24 -8.78 3.97 19.42
N THR A 25 -8.62 2.83 18.72
CA THR A 25 -7.53 1.93 19.02
C THR A 25 -6.20 2.65 18.81
N VAL A 26 -6.14 3.49 17.78
CA VAL A 26 -4.93 4.24 17.48
C VAL A 26 -4.66 5.22 18.62
N LEU A 27 -5.70 5.91 19.10
CA LEU A 27 -5.52 6.91 20.14
C LEU A 27 -5.02 6.24 21.42
N ILE A 28 -5.47 5.01 21.67
CA ILE A 28 -4.98 4.25 22.81
C ILE A 28 -3.50 3.94 22.63
N LEU A 29 -3.12 3.48 21.42
CA LEU A 29 -1.73 3.17 21.11
C LEU A 29 -0.87 4.40 21.35
N LYS A 30 -1.37 5.57 20.93
CA LYS A 30 -0.64 6.81 21.10
C LYS A 30 -0.47 7.11 22.58
N GLU A 31 -1.53 6.88 23.38
CA GLU A 31 -1.52 7.20 24.81
C GLU A 31 -0.55 6.27 25.53
N LYS A 32 -0.52 4.98 25.17
CA LYS A 32 0.23 4.00 25.94
C LYS A 32 1.73 4.18 25.72
N GLY A 33 2.10 4.93 24.67
CA GLY A 33 3.50 5.12 24.31
C GLY A 33 3.94 4.21 23.16
N ILE A 34 3.08 3.27 22.77
CA ILE A 34 3.39 2.27 21.75
C ILE A 34 3.58 2.93 20.38
N TYR A 35 2.67 3.85 20.02
CA TYR A 35 2.67 4.44 18.69
C TYR A 35 4.03 5.07 18.37
N ASP A 36 4.65 5.72 19.35
CA ASP A 36 5.91 6.47 19.11
C ASP A 36 7.07 5.53 18.83
N ARG A 37 6.93 4.26 19.18
CA ARG A 37 7.98 3.27 18.84
C ARG A 37 8.01 3.09 17.31
N TYR A 38 6.84 3.17 16.68
CA TYR A 38 6.75 2.98 15.21
C TYR A 38 7.32 4.22 14.52
N ILE A 39 7.19 5.40 15.11
CA ILE A 39 7.78 6.56 14.46
C ILE A 39 9.30 6.40 14.50
N ALA A 40 9.79 5.93 15.65
CA ALA A 40 11.22 5.89 15.86
C ALA A 40 11.82 4.81 14.97
N TRP A 41 11.17 3.65 14.91
CA TRP A 41 11.66 2.55 14.08
C TRP A 41 11.84 3.04 12.66
N HIS A 42 10.84 3.80 12.19
CA HIS A 42 10.79 4.17 10.79
C HIS A 42 11.92 5.13 10.47
N GLY A 43 12.19 6.04 11.40
CA GLY A 43 13.28 7.00 11.26
C GLY A 43 14.64 6.31 11.33
N ALA A 44 14.77 5.34 12.25
CA ALA A 44 16.03 4.61 12.45
C ALA A 44 16.40 3.84 11.18
N ALA A 45 15.42 3.11 10.63
CA ALA A 45 15.56 2.38 9.38
C ALA A 45 16.02 3.30 8.24
N GLY A 46 15.39 4.46 8.14
CA GLY A 46 15.63 5.38 7.04
C GLY A 46 17.05 5.93 7.03
N LYS A 47 17.73 5.81 8.18
CA LYS A 47 19.06 6.38 8.30
C LYS A 47 20.09 5.25 8.40
N PHE A 48 19.64 4.00 8.24
CA PHE A 48 20.52 2.84 8.21
C PHE A 48 20.77 2.39 6.77
N HIS A 49 21.97 2.71 6.26
CA HIS A 49 22.24 2.63 4.84
C HIS A 49 22.85 1.28 4.51
N THR A 50 22.44 0.70 3.37
CA THR A 50 22.88 -0.63 2.97
C THR A 50 23.57 -0.61 1.60
N PRO A 51 24.93 -0.55 1.53
CA PRO A 51 25.81 -0.46 2.69
C PRO A 51 26.04 0.99 3.10
N PRO A 52 26.73 1.27 4.24
CA PRO A 52 27.03 2.65 4.60
C PRO A 52 27.64 3.39 3.42
N GLY A 53 27.12 4.58 3.12
CA GLY A 53 27.67 5.35 2.03
C GLY A 53 26.71 5.40 0.85
N SER A 54 25.94 4.33 0.65
CA SER A 54 24.92 4.35 -0.39
C SER A 54 23.71 5.16 0.09
N ASP A 55 22.83 5.49 -0.86
CA ASP A 55 21.56 6.14 -0.56
C ASP A 55 20.46 5.08 -0.43
N ARG A 56 20.83 3.80 -0.49
CA ARG A 56 19.95 2.74 -0.07
C ARG A 56 19.88 2.73 1.46
N ASN A 57 18.67 2.51 1.99
CA ASN A 57 18.49 2.29 3.42
C ASN A 57 17.65 1.04 3.66
N ALA A 58 17.55 0.66 4.93
CA ALA A 58 16.89 -0.56 5.33
C ALA A 58 15.44 -0.62 4.86
N ALA A 59 14.77 0.53 4.75
CA ALA A 59 13.32 0.55 4.57
C ALA A 59 12.90 1.18 3.23
N HIS A 60 13.81 1.92 2.58
CA HIS A 60 13.46 2.68 1.39
C HIS A 60 14.55 2.55 0.32
N MET A 61 14.19 2.88 -0.93
CA MET A 61 15.13 3.14 -2.02
C MET A 61 15.94 1.88 -2.31
N SER A 62 15.27 0.71 -2.28
CA SER A 62 15.95 -0.56 -2.30
C SER A 62 14.93 -1.69 -2.21
N SER A 63 15.43 -2.94 -2.26
CA SER A 63 14.58 -4.09 -2.47
C SER A 63 13.73 -4.38 -1.23
N ALA A 64 14.27 -4.06 -0.05
CA ALA A 64 13.60 -4.40 1.20
C ALA A 64 12.37 -3.52 1.43
N PHE A 65 12.28 -2.43 0.64
CA PHE A 65 11.16 -1.49 0.76
C PHE A 65 9.85 -2.22 1.04
N LEU A 66 9.55 -3.25 0.25
CA LEU A 66 8.25 -3.87 0.37
C LEU A 66 8.17 -4.78 1.59
N PRO A 67 9.03 -5.81 1.76
CA PRO A 67 8.96 -6.66 2.94
C PRO A 67 9.06 -5.90 4.26
N TRP A 68 9.83 -4.81 4.25
CA TRP A 68 10.00 -3.99 5.45
C TRP A 68 8.66 -3.40 5.87
N HIS A 69 7.96 -2.75 4.94
CA HIS A 69 6.71 -2.12 5.28
C HIS A 69 5.65 -3.16 5.63
N ARG A 70 5.77 -4.36 5.06
CA ARG A 70 4.81 -5.40 5.37
C ARG A 70 4.95 -5.77 6.85
N GLU A 71 6.18 -5.95 7.31
CA GLU A 71 6.49 -6.34 8.67
C GLU A 71 6.07 -5.23 9.64
N TYR A 72 6.28 -3.98 9.25
CA TYR A 72 5.94 -2.86 10.10
C TYR A 72 4.43 -2.83 10.33
N LEU A 73 3.67 -3.09 9.26
CA LEU A 73 2.21 -3.08 9.35
C LEU A 73 1.74 -4.27 10.17
N LEU A 74 2.40 -5.41 10.00
CA LEU A 74 1.98 -6.62 10.70
C LEU A 74 2.13 -6.36 12.19
N ARG A 75 3.27 -5.74 12.55
CA ARG A 75 3.58 -5.39 13.93
C ARG A 75 2.52 -4.44 14.47
N PHE A 76 2.22 -3.40 13.70
CA PHE A 76 1.29 -2.38 14.13
C PHE A 76 -0.11 -2.97 14.31
N GLU A 77 -0.52 -3.83 13.37
CA GLU A 77 -1.83 -4.45 13.45
C GLU A 77 -1.92 -5.30 14.71
N ARG A 78 -0.82 -5.97 15.07
CA ARG A 78 -0.85 -6.83 16.24
C ARG A 78 -1.07 -5.99 17.50
N ASP A 79 -0.35 -4.87 17.60
CA ASP A 79 -0.57 -3.94 18.69
C ASP A 79 -2.02 -3.49 18.72
N LEU A 80 -2.57 -3.08 17.56
CA LEU A 80 -3.97 -2.73 17.46
C LEU A 80 -4.80 -3.80 18.16
N GLN A 81 -4.60 -5.06 17.75
CA GLN A 81 -5.45 -6.17 18.14
C GLN A 81 -5.30 -6.49 19.63
N SER A 82 -4.10 -6.29 20.17
CA SER A 82 -3.90 -6.48 21.59
C SER A 82 -4.80 -5.53 22.37
N ILE A 83 -5.25 -4.43 21.76
CA ILE A 83 -6.16 -3.50 22.41
C ILE A 83 -7.60 -3.97 22.20
N ASN A 84 -8.06 -3.99 20.94
CA ASN A 84 -9.37 -4.51 20.58
C ASN A 84 -9.19 -5.53 19.46
N PRO A 85 -9.29 -6.84 19.78
CA PRO A 85 -8.93 -7.89 18.82
C PRO A 85 -9.77 -7.91 17.55
N GLU A 86 -10.86 -7.14 17.54
CA GLU A 86 -11.70 -7.12 16.36
C GLU A 86 -11.07 -6.29 15.25
N VAL A 87 -10.20 -5.32 15.63
CA VAL A 87 -9.65 -4.34 14.70
C VAL A 87 -8.60 -4.95 13.77
N THR A 88 -8.78 -4.78 12.46
CA THR A 88 -7.68 -4.98 11.54
C THR A 88 -7.34 -3.63 10.92
N LEU A 89 -6.20 -3.60 10.24
CA LEU A 89 -5.73 -2.42 9.53
C LEU A 89 -6.43 -2.32 8.18
N PRO A 90 -7.27 -1.29 7.96
CA PRO A 90 -7.84 -1.04 6.63
C PRO A 90 -6.83 -0.45 5.66
N TYR A 91 -7.23 -0.25 4.40
CA TYR A 91 -6.32 0.25 3.38
C TYR A 91 -7.03 1.34 2.59
N TRP A 92 -6.23 2.32 2.14
CA TRP A 92 -6.70 3.48 1.41
C TRP A 92 -6.47 3.23 -0.08
N ASP A 93 -7.55 2.90 -0.80
CA ASP A 93 -7.44 2.75 -2.27
C ASP A 93 -7.49 4.15 -2.89
N TRP A 94 -6.31 4.72 -3.13
CA TRP A 94 -6.28 6.11 -3.65
C TRP A 94 -6.65 6.12 -5.13
N THR A 95 -6.61 4.96 -5.80
CA THR A 95 -6.89 5.02 -7.23
C THR A 95 -8.36 5.31 -7.44
N THR A 96 -9.21 4.85 -6.52
CA THR A 96 -10.62 5.17 -6.54
C THR A 96 -10.81 6.65 -6.27
N ASP A 97 -10.07 7.19 -5.29
CA ASP A 97 -10.18 8.60 -4.97
C ASP A 97 -9.71 9.44 -6.15
N ALA A 98 -8.76 8.93 -6.93
CA ALA A 98 -8.17 9.70 -8.02
C ALA A 98 -9.23 10.00 -9.10
N GLN A 99 -10.26 9.15 -9.15
CA GLN A 99 -11.38 9.24 -10.07
C GLN A 99 -12.31 10.43 -9.79
N MET A 100 -12.19 11.08 -8.63
CA MET A 100 -13.11 12.16 -8.25
C MET A 100 -12.65 13.47 -8.88
N GLN A 101 -13.60 14.41 -9.12
CA GLN A 101 -13.24 15.77 -9.51
C GLN A 101 -12.31 16.34 -8.44
N ASP A 102 -12.67 16.12 -7.17
CA ASP A 102 -11.92 16.58 -6.03
C ASP A 102 -11.71 15.42 -5.07
N PRO A 103 -10.51 14.77 -5.10
CA PRO A 103 -10.23 13.65 -4.19
C PRO A 103 -10.24 14.02 -2.70
N SER A 104 -10.08 15.31 -2.40
CA SER A 104 -10.15 15.80 -1.03
C SER A 104 -11.50 15.45 -0.42
N GLN A 105 -12.50 15.16 -1.27
CA GLN A 105 -13.86 14.95 -0.84
C GLN A 105 -14.07 13.49 -0.46
N SER A 106 -13.00 12.70 -0.56
CA SER A 106 -13.07 11.32 -0.11
C SER A 106 -13.49 11.25 1.36
N GLN A 107 -14.33 10.27 1.68
CA GLN A 107 -14.85 10.09 3.02
C GLN A 107 -13.73 9.77 4.00
N ILE A 108 -12.55 9.45 3.47
CA ILE A 108 -11.41 9.14 4.32
C ILE A 108 -11.03 10.38 5.12
N TRP A 109 -11.23 11.58 4.52
CA TRP A 109 -10.83 12.81 5.18
C TRP A 109 -11.96 13.43 5.99
N SER A 110 -13.01 12.65 6.29
CA SER A 110 -14.08 13.10 7.17
C SER A 110 -13.60 13.24 8.60
N ALA A 111 -14.28 14.12 9.36
CA ALA A 111 -14.04 14.35 10.77
C ALA A 111 -14.23 13.07 11.59
N ASP A 112 -14.85 12.04 11.03
CA ASP A 112 -15.00 10.83 11.82
C ASP A 112 -13.90 9.82 11.51
N PHE A 113 -13.01 10.14 10.55
CA PHE A 113 -11.98 9.18 10.21
C PHE A 113 -10.59 9.83 10.34
N MET A 114 -9.97 10.21 9.23
CA MET A 114 -8.62 10.77 9.31
C MET A 114 -8.65 12.29 9.51
N GLY A 115 -9.85 12.89 9.43
CA GLY A 115 -9.97 14.33 9.49
C GLY A 115 -9.40 14.96 8.22
N GLY A 116 -9.28 16.29 8.22
CA GLY A 116 -9.36 17.03 6.97
C GLY A 116 -8.01 17.50 6.50
N ASN A 117 -8.04 18.55 5.66
CA ASN A 117 -6.87 19.13 5.06
C ASN A 117 -6.26 20.07 6.10
N GLY A 118 -4.98 20.43 5.90
CA GLY A 118 -4.38 21.48 6.70
C GLY A 118 -5.12 22.79 6.49
N ASN A 119 -5.14 23.62 7.54
CA ASN A 119 -5.82 24.90 7.50
C ASN A 119 -4.82 26.01 7.16
N PRO A 120 -4.90 26.64 5.97
CA PRO A 120 -3.92 27.67 5.61
C PRO A 120 -3.83 28.82 6.62
N ILE A 121 -4.98 29.24 7.15
CA ILE A 121 -5.06 30.27 8.19
C ILE A 121 -4.18 29.88 9.38
N LYS A 122 -4.09 28.58 9.68
CA LYS A 122 -3.47 28.12 10.92
C LYS A 122 -2.14 27.45 10.62
N ASP A 123 -1.50 27.83 9.51
CA ASP A 123 -0.20 27.31 9.08
C ASP A 123 -0.28 25.82 8.73
N PHE A 124 -1.40 25.44 8.08
CA PHE A 124 -1.57 24.13 7.47
C PHE A 124 -1.69 23.01 8.51
N ILE A 125 -1.95 23.37 9.75
CA ILE A 125 -2.22 22.42 10.82
C ILE A 125 -3.59 21.79 10.54
N VAL A 126 -3.78 20.55 10.97
CA VAL A 126 -5.05 19.89 10.78
C VAL A 126 -5.95 20.20 11.98
N ASP A 127 -7.18 20.64 11.70
CA ASP A 127 -8.04 21.11 12.79
C ASP A 127 -9.41 20.43 12.77
N THR A 128 -9.53 19.35 11.98
CA THR A 128 -10.70 18.49 12.05
C THR A 128 -10.27 17.05 12.25
N GLY A 129 -11.22 16.25 12.74
CA GLY A 129 -11.02 14.82 12.95
C GLY A 129 -10.31 14.54 14.26
N PRO A 130 -10.04 13.25 14.56
CA PRO A 130 -9.47 12.86 15.84
C PRO A 130 -7.97 13.12 15.98
N PHE A 131 -7.31 13.56 14.90
CA PHE A 131 -5.87 13.77 14.94
C PHE A 131 -5.54 15.24 14.79
N ALA A 132 -6.56 16.08 14.97
CA ALA A 132 -6.37 17.52 14.92
C ALA A 132 -5.40 17.95 16.03
N ALA A 133 -4.60 18.98 15.76
CA ALA A 133 -3.81 19.68 16.77
C ALA A 133 -4.64 19.88 18.02
N GLY A 134 -4.10 19.44 19.16
CA GLY A 134 -4.79 19.60 20.41
C GLY A 134 -5.35 18.27 20.88
N ARG A 135 -5.39 17.29 19.97
CA ARG A 135 -5.87 15.95 20.28
C ARG A 135 -4.77 14.92 19.98
N TRP A 136 -3.68 15.40 19.35
CA TRP A 136 -2.65 14.53 18.82
C TRP A 136 -1.33 15.29 18.71
N THR A 137 -0.30 14.82 19.43
CA THR A 137 0.99 15.52 19.43
C THR A 137 1.92 14.86 18.42
N THR A 138 2.67 15.68 17.66
CA THR A 138 3.63 15.18 16.69
C THR A 138 5.05 15.49 17.16
N ILE A 139 6.03 14.78 16.60
CA ILE A 139 7.45 15.00 16.87
C ILE A 139 8.20 15.19 15.55
N ASP A 140 9.37 15.87 15.65
CA ASP A 140 10.23 16.15 14.51
C ASP A 140 11.24 15.00 14.35
N GLU A 141 12.21 15.21 13.45
CA GLU A 141 13.19 14.18 13.12
C GLU A 141 14.06 13.87 14.34
N GLN A 142 14.02 14.78 15.33
CA GLN A 142 14.95 14.73 16.45
C GLN A 142 14.28 14.07 17.65
N GLY A 143 12.94 14.05 17.65
CA GLY A 143 12.15 13.49 18.73
C GLY A 143 11.55 14.58 19.62
N ASN A 144 11.75 15.85 19.21
CA ASN A 144 11.26 16.99 19.98
C ASN A 144 9.82 17.29 19.58
N PRO A 145 8.84 17.14 20.50
CA PRO A 145 7.46 17.44 20.15
C PRO A 145 7.34 18.72 19.35
N SER A 146 6.74 18.63 18.15
CA SER A 146 6.49 19.78 17.29
C SER A 146 5.00 20.12 17.21
N GLY A 147 4.18 19.50 18.08
CA GLY A 147 2.75 19.75 18.21
C GLY A 147 2.04 20.18 16.92
N GLY A 148 1.45 19.21 16.20
CA GLY A 148 0.45 19.52 15.20
C GLY A 148 0.66 18.77 13.88
N LEU A 149 -0.22 17.80 13.60
CA LEU A 149 -0.28 17.22 12.28
C LEU A 149 -0.61 18.30 11.26
N LYS A 150 0.14 18.29 10.15
CA LYS A 150 -0.10 19.15 9.01
C LYS A 150 -0.34 18.32 7.74
N ARG A 151 -1.16 18.86 6.83
CA ARG A 151 -1.45 18.27 5.54
C ARG A 151 -1.69 19.40 4.53
N ASN A 152 -1.43 19.12 3.25
CA ASN A 152 -1.65 20.12 2.22
C ASN A 152 -1.96 19.43 0.89
N PHE A 153 -3.22 18.99 0.75
CA PHE A 153 -3.62 18.14 -0.37
C PHE A 153 -3.24 18.75 -1.72
N GLY A 154 -2.39 18.03 -2.47
CA GLY A 154 -2.13 18.28 -3.89
C GLY A 154 -1.36 19.59 -4.14
N ALA A 155 -0.75 20.17 -3.12
CA ALA A 155 -0.23 21.52 -3.21
C ALA A 155 1.06 21.59 -4.03
N THR A 156 1.82 20.49 -4.11
CA THR A 156 3.13 20.55 -4.74
C THR A 156 3.01 20.35 -6.25
N LYS A 157 4.01 20.89 -6.96
CA LYS A 157 4.06 20.91 -8.42
C LYS A 157 4.15 19.48 -8.94
N GLU A 158 5.10 18.72 -8.39
CA GLU A 158 5.42 17.37 -8.86
C GLU A 158 4.30 16.38 -8.57
N ALA A 159 3.39 16.70 -7.64
CA ALA A 159 2.44 15.69 -7.23
C ALA A 159 1.06 16.30 -6.96
N PRO A 160 0.41 16.92 -7.96
CA PRO A 160 -0.93 17.46 -7.76
C PRO A 160 -2.03 16.41 -7.69
N THR A 161 -1.73 15.18 -8.14
CA THR A 161 -2.80 14.19 -8.26
C THR A 161 -2.35 12.88 -7.62
N LEU A 162 -3.34 12.10 -7.19
CA LEU A 162 -3.10 10.76 -6.70
C LEU A 162 -2.95 9.82 -7.90
N PRO A 163 -2.15 8.74 -7.76
CA PRO A 163 -1.98 7.76 -8.83
C PRO A 163 -3.28 7.08 -9.27
N THR A 164 -3.29 6.62 -10.52
CA THR A 164 -4.52 6.05 -11.09
C THR A 164 -4.45 4.55 -11.13
N ARG A 165 -5.59 3.90 -11.38
CA ARG A 165 -5.63 2.43 -11.50
C ARG A 165 -4.71 2.02 -12.64
N ALA A 166 -4.65 2.84 -13.67
CA ALA A 166 -3.77 2.54 -14.82
C ALA A 166 -2.33 2.55 -14.33
N ASP A 167 -2.02 3.48 -13.43
CA ASP A 167 -0.68 3.54 -12.89
C ASP A 167 -0.34 2.23 -12.18
N VAL A 168 -1.35 1.61 -11.57
CA VAL A 168 -1.18 0.40 -10.79
C VAL A 168 -1.02 -0.78 -11.75
N VAL A 169 -1.83 -0.78 -12.82
CA VAL A 169 -1.76 -1.83 -13.82
C VAL A 169 -0.37 -1.85 -14.46
N LYS A 170 0.10 -0.68 -14.90
CA LYS A 170 1.46 -0.60 -15.44
C LYS A 170 2.41 -1.39 -14.53
N ALA A 171 2.27 -1.21 -13.21
CA ALA A 171 3.19 -1.79 -12.24
C ALA A 171 2.92 -3.28 -12.06
N LEU A 172 1.64 -3.66 -12.05
CA LEU A 172 1.30 -5.05 -11.85
C LEU A 172 1.78 -5.90 -13.04
N ALA A 173 2.22 -5.22 -14.12
CA ALA A 173 2.58 -5.90 -15.35
C ALA A 173 4.06 -6.28 -15.36
N ILE A 174 4.89 -5.49 -14.67
CA ILE A 174 6.33 -5.72 -14.59
C ILE A 174 6.62 -7.12 -14.04
N THR A 175 7.58 -7.83 -14.67
CA THR A 175 7.72 -9.26 -14.49
C THR A 175 8.69 -9.54 -13.35
N GLN A 176 9.73 -8.71 -13.25
CA GLN A 176 10.76 -8.87 -12.24
C GLN A 176 10.34 -8.14 -10.95
N TYR A 177 10.55 -8.80 -9.79
CA TYR A 177 10.37 -8.16 -8.49
C TYR A 177 11.23 -6.90 -8.38
N ASP A 178 12.55 -7.05 -8.56
CA ASP A 178 13.48 -5.93 -8.56
C ASP A 178 14.67 -6.35 -9.42
N THR A 179 15.54 -5.37 -9.75
CA THR A 179 16.66 -5.56 -10.66
C THR A 179 17.86 -4.78 -10.13
N PRO A 180 19.11 -5.20 -10.43
CA PRO A 180 20.28 -4.39 -10.10
C PRO A 180 20.15 -2.96 -10.62
N PRO A 181 20.75 -1.94 -9.96
CA PRO A 181 21.50 -2.12 -8.72
C PRO A 181 20.67 -1.99 -7.43
N TRP A 182 19.42 -2.48 -7.48
CA TRP A 182 18.54 -2.54 -6.32
C TRP A 182 18.51 -1.19 -5.61
N ASP A 183 17.95 -0.17 -6.27
CA ASP A 183 17.83 1.15 -5.69
C ASP A 183 16.87 1.99 -6.53
N MET A 184 16.96 3.31 -6.40
CA MET A 184 16.00 4.19 -7.05
C MET A 184 16.24 4.26 -8.56
N THR A 185 17.36 3.70 -9.03
CA THR A 185 17.72 3.73 -10.45
C THR A 185 17.15 2.50 -11.18
N SER A 186 16.73 1.48 -10.44
CA SER A 186 16.31 0.21 -11.01
C SER A 186 15.22 0.38 -12.08
N GLN A 187 15.42 -0.31 -13.20
CA GLN A 187 14.50 -0.29 -14.33
C GLN A 187 13.80 -1.64 -14.42
N ASN A 188 12.56 -1.65 -14.90
CA ASN A 188 11.80 -2.89 -15.04
C ASN A 188 11.73 -3.58 -13.69
N SER A 189 11.58 -2.75 -12.65
CA SER A 189 11.52 -3.17 -11.26
C SER A 189 10.10 -2.92 -10.76
N PHE A 190 9.35 -4.00 -10.52
CA PHE A 190 8.04 -3.85 -9.91
C PHE A 190 8.15 -3.04 -8.61
N ARG A 191 9.24 -3.28 -7.86
CA ARG A 191 9.47 -2.69 -6.54
C ARG A 191 9.74 -1.20 -6.68
N ASN A 192 10.64 -0.83 -7.59
CA ASN A 192 10.98 0.57 -7.78
C ASN A 192 9.82 1.33 -8.42
N GLN A 193 9.03 0.64 -9.25
CA GLN A 193 7.90 1.26 -9.88
C GLN A 193 6.81 1.53 -8.83
N LEU A 194 6.57 0.56 -7.93
CA LEU A 194 5.57 0.71 -6.88
C LEU A 194 6.02 1.76 -5.87
N GLU A 195 7.31 1.71 -5.47
CA GLU A 195 7.84 2.74 -4.59
C GLU A 195 7.59 4.10 -5.23
N GLY A 196 7.97 4.23 -6.49
CA GLY A 196 7.59 5.38 -7.33
C GLY A 196 8.76 6.28 -7.74
N PHE A 197 9.91 5.68 -8.05
CA PHE A 197 11.09 6.43 -8.48
C PHE A 197 11.21 6.52 -10.00
N ILE A 198 10.56 5.59 -10.72
CA ILE A 198 10.59 5.61 -12.18
C ILE A 198 9.73 6.77 -12.68
N ASN A 199 10.40 7.85 -13.13
CA ASN A 199 9.74 9.08 -13.53
C ASN A 199 9.00 9.66 -12.33
N GLY A 200 9.65 9.63 -11.16
CA GLY A 200 9.01 9.94 -9.90
C GLY A 200 8.54 11.38 -9.84
N PRO A 201 7.64 11.75 -8.90
CA PRO A 201 7.01 10.79 -8.01
C PRO A 201 5.76 10.15 -8.60
N GLN A 202 5.72 8.82 -8.57
CA GLN A 202 4.55 8.04 -8.97
C GLN A 202 4.11 7.16 -7.80
N LEU A 203 2.87 6.66 -7.89
CA LEU A 203 2.34 5.66 -6.97
C LEU A 203 2.69 6.02 -5.51
N HIS A 204 3.48 5.16 -4.84
CA HIS A 204 3.73 5.27 -3.40
C HIS A 204 4.28 6.64 -3.01
N ASN A 205 5.34 7.10 -3.68
CA ASN A 205 5.97 8.36 -3.35
C ASN A 205 5.04 9.52 -3.70
N ARG A 206 4.21 9.33 -4.73
CA ARG A 206 3.31 10.39 -5.18
C ARG A 206 2.29 10.65 -4.06
N VAL A 207 1.71 9.58 -3.54
CA VAL A 207 0.73 9.69 -2.48
C VAL A 207 1.34 10.48 -1.31
N HIS A 208 2.61 10.19 -0.98
CA HIS A 208 3.28 10.86 0.13
C HIS A 208 3.21 12.37 -0.08
N HIS A 209 3.67 12.85 -1.24
CA HIS A 209 3.80 14.27 -1.52
C HIS A 209 2.45 14.92 -1.84
N TRP A 210 1.46 14.13 -2.27
CA TRP A 210 0.12 14.63 -2.47
C TRP A 210 -0.53 15.04 -1.14
N VAL A 211 -0.37 14.20 -0.10
CA VAL A 211 -0.96 14.49 1.18
C VAL A 211 -0.29 15.74 1.74
N GLY A 212 1.02 15.86 1.51
CA GLY A 212 1.79 16.96 2.07
C GLY A 212 1.91 16.84 3.59
N GLY A 213 2.34 17.94 4.23
CA GLY A 213 2.61 17.95 5.65
C GLY A 213 3.65 16.88 6.03
N GLN A 214 3.46 16.28 7.20
CA GLN A 214 4.40 15.29 7.70
C GLN A 214 4.54 14.15 6.69
N MET A 215 3.44 13.85 5.97
CA MET A 215 3.44 12.74 5.03
C MET A 215 4.42 12.96 3.88
N GLY A 216 4.68 14.23 3.53
CA GLY A 216 5.55 14.57 2.42
C GLY A 216 7.05 14.40 2.71
N VAL A 217 7.41 14.10 3.96
CA VAL A 217 8.80 13.94 4.37
C VAL A 217 8.94 12.62 5.11
N VAL A 218 9.66 11.70 4.45
CA VAL A 218 9.61 10.29 4.81
C VAL A 218 9.93 10.08 6.30
N PRO A 219 10.97 10.68 6.90
CA PRO A 219 11.29 10.41 8.31
C PRO A 219 10.19 10.79 9.31
N THR A 220 9.29 11.70 8.92
CA THR A 220 8.23 12.13 9.83
C THR A 220 6.85 11.58 9.45
N ALA A 221 6.77 10.84 8.34
CA ALA A 221 5.47 10.53 7.74
C ALA A 221 4.57 9.75 8.70
N PRO A 222 5.07 8.80 9.51
CA PRO A 222 4.18 8.05 10.41
C PRO A 222 3.54 8.90 11.53
N ASN A 223 3.88 10.18 11.60
CA ASN A 223 3.15 11.07 12.50
C ASN A 223 1.69 11.17 12.07
N ASP A 224 1.42 10.82 10.81
CA ASP A 224 0.08 10.84 10.27
C ASP A 224 -0.46 9.42 10.21
N PRO A 225 -1.53 9.08 10.96
CA PRO A 225 -2.10 7.74 10.93
C PRO A 225 -2.42 7.21 9.53
N VAL A 226 -2.64 8.14 8.59
CA VAL A 226 -3.04 7.74 7.26
C VAL A 226 -1.91 6.95 6.59
N PHE A 227 -0.68 7.12 7.11
CA PHE A 227 0.51 6.48 6.60
C PHE A 227 0.28 4.97 6.62
N PHE A 228 -0.47 4.53 7.62
CA PHE A 228 -0.74 3.10 7.76
C PHE A 228 -1.73 2.65 6.71
N LEU A 229 -2.69 3.52 6.39
CA LEU A 229 -3.76 3.15 5.49
C LEU A 229 -3.19 3.14 4.07
N HIS A 230 -2.37 4.14 3.79
CA HIS A 230 -1.63 4.22 2.55
C HIS A 230 -0.83 2.92 2.35
N HIS A 231 -0.02 2.58 3.35
CA HIS A 231 0.89 1.45 3.24
C HIS A 231 0.13 0.14 3.19
N ALA A 232 -1.09 0.10 3.71
CA ALA A 232 -1.84 -1.13 3.58
C ALA A 232 -2.18 -1.36 2.10
N ASN A 233 -2.48 -0.26 1.39
CA ASN A 233 -2.75 -0.29 -0.04
C ASN A 233 -1.51 -0.78 -0.79
N VAL A 234 -0.35 -0.21 -0.46
CA VAL A 234 0.89 -0.59 -1.12
C VAL A 234 1.11 -2.09 -0.95
N ASP A 235 0.93 -2.59 0.27
CA ASP A 235 1.13 -4.00 0.57
C ASP A 235 0.09 -4.85 -0.18
N ARG A 236 -1.13 -4.31 -0.32
CA ARG A 236 -2.19 -5.01 -1.01
C ARG A 236 -1.80 -5.17 -2.48
N ILE A 237 -1.29 -4.08 -3.07
CA ILE A 237 -0.85 -4.09 -4.46
C ILE A 237 0.22 -5.16 -4.62
N TRP A 238 1.19 -5.17 -3.71
CA TRP A 238 2.25 -6.15 -3.74
C TRP A 238 1.70 -7.58 -3.67
N ALA A 239 0.71 -7.81 -2.81
CA ALA A 239 0.13 -9.14 -2.65
C ALA A 239 -0.52 -9.61 -3.94
N VAL A 240 -1.21 -8.70 -4.63
CA VAL A 240 -1.81 -9.02 -5.91
C VAL A 240 -0.71 -9.40 -6.89
N TRP A 241 0.37 -8.59 -6.95
CA TRP A 241 1.48 -8.88 -7.84
C TRP A 241 2.04 -10.27 -7.59
N GLN A 242 1.98 -10.70 -6.33
CA GLN A 242 2.56 -11.98 -5.95
C GLN A 242 1.67 -13.10 -6.48
N ILE A 243 0.35 -12.89 -6.38
CA ILE A 243 -0.64 -13.83 -6.87
C ILE A 243 -0.52 -13.92 -8.39
N ILE A 244 -0.23 -12.80 -9.05
CA ILE A 244 -0.17 -12.77 -10.49
C ILE A 244 1.08 -13.48 -10.97
N HIS A 245 2.25 -12.99 -10.51
CA HIS A 245 3.52 -13.55 -10.93
C HIS A 245 3.93 -14.64 -9.95
N ARG A 246 3.01 -15.58 -9.69
CA ARG A 246 3.20 -16.62 -8.69
C ARG A 246 4.48 -17.41 -8.96
N ASN A 247 5.00 -17.25 -10.18
CA ASN A 247 6.18 -17.95 -10.61
C ASN A 247 7.43 -17.19 -10.16
N GLN A 248 7.27 -15.87 -10.00
CA GLN A 248 8.39 -14.99 -9.65
C GLN A 248 8.56 -14.97 -8.13
N ASN A 249 9.78 -14.66 -7.69
CA ASN A 249 10.01 -14.48 -6.26
C ASN A 249 10.81 -13.20 -6.00
N TYR A 250 11.05 -12.90 -4.72
CA TYR A 250 11.78 -11.70 -4.31
C TYR A 250 13.19 -11.77 -4.89
N GLN A 251 13.78 -10.60 -5.16
CA GLN A 251 15.18 -10.50 -5.49
C GLN A 251 15.74 -9.24 -4.83
N PRO A 252 17.05 -9.16 -4.48
CA PRO A 252 18.02 -10.23 -4.69
C PRO A 252 17.90 -11.41 -3.75
N MET A 253 18.18 -12.61 -4.27
CA MET A 253 18.25 -13.80 -3.45
C MET A 253 19.58 -13.84 -2.70
N LYS A 254 20.65 -13.41 -3.37
CA LYS A 254 21.99 -13.36 -2.80
C LYS A 254 22.76 -12.22 -3.46
N ASN A 255 23.87 -11.85 -2.85
CA ASN A 255 24.90 -11.02 -3.46
C ASN A 255 24.46 -9.58 -3.63
N GLY A 256 23.24 -9.24 -3.16
CA GLY A 256 22.87 -7.85 -2.97
C GLY A 256 23.53 -7.27 -1.71
N PRO A 257 23.33 -5.96 -1.40
CA PRO A 257 23.77 -5.40 -0.12
C PRO A 257 23.22 -6.18 1.08
N PHE A 258 23.96 -6.17 2.19
CA PHE A 258 23.52 -6.89 3.38
C PHE A 258 22.31 -6.17 3.99
N GLY A 259 21.25 -6.93 4.28
CA GLY A 259 19.99 -6.35 4.66
C GLY A 259 18.98 -6.41 3.51
N GLN A 260 19.45 -6.62 2.27
CA GLN A 260 18.59 -6.54 1.09
C GLN A 260 18.20 -7.93 0.56
N ASN A 261 18.94 -8.99 0.96
CA ASN A 261 18.76 -10.28 0.32
C ASN A 261 17.63 -11.05 1.00
N PHE A 262 17.12 -12.06 0.29
CA PHE A 262 15.93 -12.81 0.68
C PHE A 262 16.00 -13.22 2.15
N ARG A 263 17.21 -13.45 2.66
CA ARG A 263 17.37 -14.08 3.97
C ARG A 263 18.16 -13.21 4.96
N ASP A 264 18.42 -11.95 4.60
CA ASP A 264 19.05 -11.03 5.52
C ASP A 264 18.02 -10.53 6.53
N PRO A 265 18.43 -10.17 7.77
CA PRO A 265 17.55 -9.45 8.67
C PRO A 265 17.37 -8.00 8.23
N MET A 266 16.14 -7.51 8.39
CA MET A 266 15.86 -6.13 8.06
C MET A 266 15.94 -5.28 9.33
N TYR A 267 17.05 -4.55 9.49
CA TYR A 267 17.10 -3.51 10.50
C TYR A 267 15.79 -2.73 10.45
N PRO A 268 15.11 -2.50 11.59
CA PRO A 268 15.67 -2.74 12.91
C PRO A 268 15.28 -4.05 13.61
N TRP A 269 14.85 -5.06 12.83
CA TRP A 269 14.35 -6.31 13.40
C TRP A 269 15.23 -7.49 12.98
N ASN A 270 14.83 -8.68 13.40
CA ASN A 270 15.47 -9.88 12.87
C ASN A 270 14.66 -10.47 11.72
N THR A 271 13.54 -9.84 11.36
CA THR A 271 12.72 -10.32 10.25
C THR A 271 13.48 -10.23 8.92
N THR A 272 13.38 -11.32 8.14
CA THR A 272 13.91 -11.44 6.80
C THR A 272 12.78 -11.21 5.80
N PRO A 273 13.09 -10.74 4.57
CA PRO A 273 12.12 -10.76 3.49
C PRO A 273 11.36 -12.08 3.43
N GLU A 274 12.13 -13.17 3.42
CA GLU A 274 11.57 -14.52 3.36
C GLU A 274 10.49 -14.69 4.44
N ASP A 275 10.74 -14.19 5.66
CA ASP A 275 9.80 -14.37 6.76
C ASP A 275 8.41 -13.83 6.42
N VAL A 276 8.33 -12.79 5.57
CA VAL A 276 7.10 -12.05 5.34
C VAL A 276 6.66 -12.16 3.87
N MET A 277 7.23 -13.11 3.14
CA MET A 277 6.96 -13.27 1.72
C MET A 277 5.50 -13.68 1.49
N ASN A 278 4.97 -14.59 2.31
CA ASN A 278 3.61 -15.09 2.14
C ASN A 278 2.70 -14.43 3.20
N HIS A 279 1.93 -13.43 2.78
CA HIS A 279 1.14 -12.64 3.72
C HIS A 279 0.08 -13.49 4.38
N ARG A 280 -0.51 -14.41 3.60
CA ARG A 280 -1.59 -15.25 4.08
C ARG A 280 -1.07 -16.00 5.30
N LYS A 281 0.23 -16.34 5.26
CA LYS A 281 0.85 -17.17 6.28
C LYS A 281 1.09 -16.34 7.53
N LEU A 282 1.02 -15.01 7.40
CA LEU A 282 1.20 -14.10 8.54
C LEU A 282 -0.15 -13.80 9.19
N GLY A 283 -1.22 -14.42 8.69
CA GLY A 283 -2.46 -14.45 9.43
C GLY A 283 -3.53 -13.49 8.90
N TYR A 284 -3.18 -12.72 7.86
CA TYR A 284 -4.10 -11.71 7.36
C TYR A 284 -4.32 -11.85 5.85
N VAL A 285 -5.41 -11.26 5.38
CA VAL A 285 -5.76 -11.31 3.98
C VAL A 285 -6.51 -10.02 3.65
N TYR A 286 -6.37 -9.54 2.41
CA TYR A 286 -7.13 -8.40 1.91
C TYR A 286 -8.53 -8.85 1.47
N ASP A 287 -9.52 -7.97 1.61
CA ASP A 287 -10.91 -8.32 1.41
C ASP A 287 -11.14 -8.88 0.01
N ILE A 288 -10.36 -8.43 -0.96
CA ILE A 288 -10.50 -8.83 -2.35
C ILE A 288 -9.97 -10.24 -2.55
N GLU A 289 -9.88 -11.03 -1.48
CA GLU A 289 -9.35 -12.38 -1.58
C GLU A 289 -10.37 -13.41 -1.08
N ASP A 290 -11.62 -13.00 -0.84
CA ASP A 290 -12.64 -13.91 -0.33
C ASP A 290 -13.65 -14.23 -1.43
N ARG A 291 -14.85 -13.66 -1.31
CA ARG A 291 -15.96 -13.94 -2.21
C ARG A 291 -16.79 -12.68 -2.40
N ASN A 292 -17.20 -12.43 -3.65
CA ASN A 292 -18.02 -11.28 -4.03
C ASN A 292 -17.31 -9.99 -3.64
N ASP A 293 -16.31 -9.60 -4.44
CA ASP A 293 -15.49 -8.43 -4.18
C ASP A 293 -16.31 -7.16 -4.37
N ILE A 294 -16.39 -6.67 -5.62
CA ILE A 294 -17.17 -5.48 -5.95
C ILE A 294 -18.22 -5.81 -7.02
N ASN A 295 -18.24 -7.06 -7.50
CA ASN A 295 -19.23 -7.54 -8.45
C ASN A 295 -19.29 -9.07 -8.44
N GLY A 296 -20.00 -9.64 -9.43
CA GLY A 296 -20.20 -11.07 -9.57
C GLY A 296 -19.58 -11.61 -10.86
N PRO A 297 -19.40 -12.96 -10.99
CA PRO A 297 -18.78 -13.57 -12.17
C PRO A 297 -19.56 -13.36 -13.48
N ILE A 298 -19.09 -12.42 -14.31
CA ILE A 298 -19.48 -12.34 -15.71
C ILE A 298 -18.81 -13.49 -16.45
N PHE A 299 -18.78 -14.65 -15.78
CA PHE A 299 -17.90 -15.78 -16.03
C PHE A 299 -18.37 -16.57 -17.25
N VAL A 300 -17.98 -17.85 -17.26
CA VAL A 300 -18.22 -18.83 -18.32
C VAL A 300 -17.62 -18.38 -19.66
N ALA A 301 -16.56 -19.08 -20.06
CA ALA A 301 -15.96 -18.89 -21.36
C ALA A 301 -16.90 -19.48 -22.40
N LEU A 302 -17.37 -18.62 -23.30
CA LEU A 302 -18.19 -19.02 -24.43
C LEU A 302 -17.38 -19.85 -25.43
N TYR A 303 -16.12 -19.44 -25.69
CA TYR A 303 -15.24 -20.19 -26.59
C TYR A 303 -13.84 -20.28 -26.00
N ASP A 304 -13.07 -21.26 -26.48
CA ASP A 304 -11.63 -21.34 -26.26
C ASP A 304 -10.96 -20.06 -26.72
N TYR A 305 -9.92 -19.66 -25.99
CA TYR A 305 -9.18 -18.44 -26.32
C TYR A 305 -7.71 -18.65 -26.03
N GLU A 306 -6.89 -18.23 -26.99
CA GLU A 306 -5.44 -18.31 -26.88
C GLU A 306 -4.94 -16.89 -26.66
N ALA A 307 -4.04 -16.71 -25.68
CA ALA A 307 -3.50 -15.40 -25.34
C ALA A 307 -2.72 -14.78 -26.52
N ARG A 308 -2.87 -13.47 -26.71
CA ARG A 308 -2.23 -12.79 -27.82
C ARG A 308 -1.31 -11.67 -27.31
N THR A 309 -1.31 -11.46 -25.99
CA THR A 309 -0.28 -10.67 -25.33
C THR A 309 0.22 -11.42 -24.09
N GLU A 310 1.22 -10.85 -23.42
CA GLU A 310 1.82 -11.47 -22.26
C GLU A 310 0.90 -11.31 -21.04
N ASP A 311 0.04 -10.30 -21.08
CA ASP A 311 -0.83 -10.00 -19.91
C ASP A 311 -2.24 -10.51 -20.15
N ASP A 312 -2.41 -11.44 -21.09
CA ASP A 312 -3.75 -12.02 -21.39
C ASP A 312 -3.78 -13.46 -20.89
N LEU A 313 -4.97 -13.98 -20.58
CA LEU A 313 -5.08 -15.37 -20.18
C LEU A 313 -5.43 -16.23 -21.40
N SER A 314 -5.02 -17.49 -21.40
CA SER A 314 -5.62 -18.48 -22.27
C SER A 314 -6.67 -19.24 -21.46
N PHE A 315 -7.72 -19.75 -22.12
CA PHE A 315 -8.77 -20.45 -21.40
C PHE A 315 -9.60 -21.28 -22.36
N HIS A 316 -10.36 -22.22 -21.79
CA HIS A 316 -11.18 -23.15 -22.56
C HIS A 316 -12.64 -22.73 -22.41
N LYS A 317 -13.46 -23.11 -23.40
CA LYS A 317 -14.92 -23.09 -23.28
C LYS A 317 -15.32 -23.84 -22.01
N GLY A 318 -15.79 -23.10 -21.00
CA GLY A 318 -16.20 -23.72 -19.74
C GLY A 318 -15.69 -22.92 -18.54
N GLU A 319 -14.43 -22.49 -18.61
CA GLU A 319 -13.82 -21.80 -17.47
C GLU A 319 -14.70 -20.65 -17.02
N LYS A 320 -14.96 -20.61 -15.72
CA LYS A 320 -15.63 -19.49 -15.07
C LYS A 320 -14.58 -18.49 -14.62
N PHE A 321 -14.96 -17.21 -14.48
CA PHE A 321 -14.01 -16.15 -14.16
C PHE A 321 -14.60 -15.20 -13.13
N GLN A 322 -13.72 -14.72 -12.24
CA GLN A 322 -14.05 -13.66 -11.31
C GLN A 322 -13.52 -12.37 -11.93
N ILE A 323 -14.42 -11.56 -12.48
CA ILE A 323 -14.03 -10.31 -13.14
C ILE A 323 -13.68 -9.27 -12.07
N LEU A 324 -12.61 -8.48 -12.32
CA LEU A 324 -11.90 -7.71 -11.31
C LEU A 324 -11.76 -6.23 -11.68
N ASP A 325 -11.68 -5.92 -12.99
CA ASP A 325 -11.67 -4.53 -13.44
C ASP A 325 -12.60 -4.36 -14.63
N SER A 326 -13.30 -3.22 -14.70
CA SER A 326 -14.30 -2.96 -15.72
C SER A 326 -13.89 -1.79 -16.61
N SER A 327 -12.83 -1.08 -16.20
CA SER A 327 -12.41 0.21 -16.73
C SER A 327 -12.36 0.22 -18.26
N GLU A 328 -11.58 -0.70 -18.85
CA GLU A 328 -11.24 -0.64 -20.28
C GLU A 328 -12.47 -0.91 -21.14
N GLY A 329 -13.37 -1.76 -20.67
CA GLY A 329 -14.63 -2.02 -21.41
C GLY A 329 -14.52 -3.24 -22.30
N ASP A 330 -13.46 -3.34 -23.10
CA ASP A 330 -13.34 -4.47 -24.06
C ASP A 330 -12.51 -5.58 -23.42
N TRP A 331 -11.39 -5.21 -22.82
CA TRP A 331 -10.52 -6.21 -22.14
C TRP A 331 -10.68 -6.01 -20.65
N TRP A 332 -11.21 -7.00 -19.94
CA TRP A 332 -11.43 -6.71 -18.51
C TRP A 332 -10.59 -7.64 -17.63
N ALA A 333 -10.04 -7.08 -16.55
CA ALA A 333 -9.13 -7.85 -15.68
C ALA A 333 -9.92 -8.91 -14.94
N ALA A 334 -9.52 -10.15 -15.14
CA ALA A 334 -10.17 -11.30 -14.48
C ALA A 334 -9.21 -12.26 -13.76
N ARG A 335 -9.78 -13.30 -13.10
CA ARG A 335 -9.08 -14.41 -12.48
C ARG A 335 -9.78 -15.75 -12.77
N SER A 336 -9.01 -16.72 -13.30
CA SER A 336 -9.52 -18.04 -13.63
C SER A 336 -9.91 -18.78 -12.34
N LEU A 337 -11.04 -19.49 -12.38
CA LEU A 337 -11.49 -20.27 -11.25
C LEU A 337 -10.91 -21.67 -11.35
N THR A 338 -10.46 -22.05 -12.55
CA THR A 338 -9.76 -23.32 -12.73
C THR A 338 -8.31 -23.17 -12.27
N THR A 339 -7.57 -22.28 -12.93
CA THR A 339 -6.12 -22.18 -12.79
C THR A 339 -5.78 -21.22 -11.66
N GLY A 340 -6.68 -20.27 -11.40
CA GLY A 340 -6.45 -19.25 -10.39
C GLY A 340 -5.45 -18.20 -10.84
N GLU A 341 -5.10 -18.22 -12.13
CA GLU A 341 -4.19 -17.24 -12.70
C GLU A 341 -4.97 -15.95 -12.99
N ILE A 342 -4.26 -14.82 -13.01
CA ILE A 342 -4.85 -13.52 -13.24
C ILE A 342 -4.24 -12.84 -14.48
N GLY A 343 -5.13 -12.28 -15.31
CA GLY A 343 -4.71 -11.41 -16.40
C GLY A 343 -5.93 -10.88 -17.15
N TYR A 344 -5.79 -10.68 -18.46
CA TYR A 344 -6.86 -10.10 -19.24
C TYR A 344 -7.57 -11.14 -20.09
N ILE A 345 -8.89 -10.95 -20.22
CA ILE A 345 -9.74 -11.70 -21.12
C ILE A 345 -10.59 -10.68 -21.89
N PRO A 346 -10.96 -10.96 -23.16
CA PRO A 346 -11.84 -10.08 -23.90
C PRO A 346 -13.31 -10.29 -23.54
N SER A 347 -14.00 -9.18 -23.24
CA SER A 347 -15.39 -9.21 -22.75
C SER A 347 -16.26 -10.12 -23.60
N ASN A 348 -16.11 -10.01 -24.93
CA ASN A 348 -17.02 -10.66 -25.87
C ASN A 348 -16.87 -12.19 -25.86
N TYR A 349 -16.11 -12.74 -24.92
CA TYR A 349 -15.87 -14.17 -24.91
C TYR A 349 -16.60 -14.81 -23.73
N VAL A 350 -17.17 -13.96 -22.86
CA VAL A 350 -17.78 -14.43 -21.63
C VAL A 350 -19.13 -13.74 -21.44
N ALA A 351 -20.12 -14.54 -21.00
CA ALA A 351 -21.46 -14.07 -20.68
C ALA A 351 -21.81 -14.47 -19.25
N PRO A 352 -22.49 -13.61 -18.46
CA PRO A 352 -22.92 -13.98 -17.11
C PRO A 352 -24.00 -15.05 -17.07
ZN ZN B . 5.92 5.25 2.61
ZN ZN C . 8.55 4.27 4.90
#